data_6QOE
#
_entry.id   6QOE
#
_cell.length_a   74.596
_cell.length_b   79.739
_cell.length_c   86.758
_cell.angle_alpha   90.000
_cell.angle_beta   90.000
_cell.angle_gamma   90.000
#
_symmetry.space_group_name_H-M   'P 21 21 21'
#
loop_
_entity.id
_entity.type
_entity.pdbx_description
1 polymer 'tRNA (guanine-N(1)-)-methyltransferase'
2 non-polymer '3-(thiophen-2-ylsulfanylmethyl)benzoic acid'
3 water water
#
_entity_poly.entity_id   1
_entity_poly.type   'polypeptide(L)'
_entity_poly.pdbx_seq_one_letter_code
;GSMKIDVVTIFPEYLQPVRQSLPGKAIDAGLVDVAVHDLRRWTHDVHKSVDDSPYGGGPGMVMKPTVWGDALDEICTSET
LLVVPTPAGYPFTQETAWQWSTEDHLVIACGRYEGIDQRVADDAATRMRVREVSIGDYVLNGGEAAALVIIEAVLRLVPG
VLGNALSAQEDSHSEGMASLLEGPSYTRPPSWRGMDVPPVLLSGDHAKIAAWRAEQSRQRTIERRPDLLGFDSPTGEHGG
DGLS
;
_entity_poly.pdbx_strand_id   A,B
#
loop_
_chem_comp.id
_chem_comp.type
_chem_comp.name
_chem_comp.formula
JBB non-polymer '3-(thiophen-2-ylsulfanylmethyl)benzoic acid' 'C12 H10 O2 S2'
#
# COMPACT_ATOMS: atom_id res chain seq x y z
N GLY A 1 2.13 -1.78 23.09
CA GLY A 1 1.86 -0.97 24.26
C GLY A 1 1.93 0.50 23.95
N SER A 2 3.10 1.10 24.21
CA SER A 2 3.33 2.53 23.99
C SER A 2 4.33 2.76 22.84
N MET A 3 3.84 3.23 21.70
CA MET A 3 4.65 3.30 20.48
C MET A 3 4.76 4.69 19.82
N LYS A 4 5.98 5.01 19.36
CA LYS A 4 6.29 6.29 18.71
C LYS A 4 6.72 6.07 17.26
N ILE A 5 6.06 6.78 16.35
CA ILE A 5 6.38 6.67 14.93
C ILE A 5 6.80 8.01 14.37
N ASP A 6 8.04 8.08 13.90
CA ASP A 6 8.52 9.26 13.20
C ASP A 6 8.57 9.01 11.70
N VAL A 7 8.08 9.96 10.93
CA VAL A 7 8.14 9.86 9.48
C VAL A 7 8.85 11.06 8.89
N VAL A 8 9.82 10.79 8.03
CA VAL A 8 10.57 11.82 7.35
C VAL A 8 10.21 11.80 5.88
N THR A 9 9.99 12.97 5.30
CA THR A 9 9.49 13.04 3.95
C THR A 9 9.57 14.47 3.42
N ILE A 10 9.80 14.62 2.13
CA ILE A 10 9.70 15.94 1.53
C ILE A 10 8.24 16.32 1.24
N PHE A 11 7.32 15.45 1.63
CA PHE A 11 5.90 15.77 1.61
C PHE A 11 5.27 15.44 2.96
N PRO A 12 5.41 16.33 3.96
CA PRO A 12 4.74 16.09 5.25
C PRO A 12 3.19 16.24 5.21
N GLU A 13 2.69 16.92 4.17
CA GLU A 13 1.25 17.08 4.01
C GLU A 13 0.58 15.72 3.67
N TYR A 14 1.28 14.87 2.91
CA TYR A 14 0.75 13.54 2.51
C TYR A 14 0.35 12.71 3.70
N LEU A 15 0.99 12.94 4.82
CA LEU A 15 0.80 12.06 5.96
C LEU A 15 -0.25 12.63 6.89
N GLN A 16 -0.99 13.62 6.41
CA GLN A 16 -2.14 14.12 7.12
C GLN A 16 -3.14 13.03 7.54
N PRO A 17 -3.47 12.10 6.64
CA PRO A 17 -4.46 11.09 7.01
C PRO A 17 -4.09 10.16 8.13
N VAL A 18 -2.83 9.85 8.36
CA VAL A 18 -2.51 8.93 9.43
C VAL A 18 -2.76 9.50 10.80
N ARG A 19 -2.51 10.78 10.96
CA ARG A 19 -2.67 11.40 12.24
C ARG A 19 -4.11 11.91 12.45
N GLN A 20 -4.86 11.90 11.37
CA GLN A 20 -6.24 12.33 11.35
C GLN A 20 -7.10 11.08 11.33
N SER A 21 -6.48 9.92 11.52
CA SER A 21 -7.15 8.64 11.55
C SER A 21 -6.88 7.95 12.85
N LEU A 22 -6.66 8.74 13.89
CA LEU A 22 -6.33 8.18 15.17
C LEU A 22 -7.29 8.37 16.30
N PRO A 23 -7.53 7.30 17.05
CA PRO A 23 -8.44 7.39 18.17
C PRO A 23 -7.79 8.34 19.15
N GLY A 24 -8.56 9.30 19.65
CA GLY A 24 -8.03 10.28 20.58
C GLY A 24 -7.66 9.64 21.89
N LYS A 25 -8.48 8.69 22.30
CA LYS A 25 -8.27 7.96 23.53
C LYS A 25 -6.94 7.21 23.56
N ALA A 26 -6.48 6.72 22.42
CA ALA A 26 -5.18 6.02 22.47
C ALA A 26 -4.02 7.01 22.56
N ILE A 27 -4.23 8.22 22.05
CA ILE A 27 -3.27 9.29 22.16
C ILE A 27 -3.18 9.76 23.62
N ASP A 28 -4.34 9.79 24.30
CA ASP A 28 -4.44 10.17 25.72
C ASP A 28 -3.78 9.15 26.65
N ALA A 29 -3.92 7.86 26.30
CA ALA A 29 -3.42 6.76 27.11
C ALA A 29 -1.96 6.46 26.83
N GLY A 30 -1.36 7.22 25.91
CA GLY A 30 0.02 6.99 25.52
C GLY A 30 0.21 5.63 24.88
N LEU A 31 -0.63 5.32 23.90
CA LEU A 31 -0.51 4.07 23.16
C LEU A 31 0.22 4.30 21.85
N VAL A 32 0.11 5.51 21.32
CA VAL A 32 0.80 5.83 20.12
C VAL A 32 0.94 7.31 19.91
N ASP A 33 2.06 7.71 19.36
CA ASP A 33 2.30 9.08 19.01
C ASP A 33 2.84 9.03 17.61
N VAL A 34 2.43 9.93 16.75
CA VAL A 34 2.91 9.94 15.41
C VAL A 34 3.35 11.33 15.06
N ALA A 35 4.60 11.49 14.65
CA ALA A 35 5.15 12.78 14.25
C ALA A 35 5.67 12.75 12.82
N VAL A 36 5.19 13.69 12.00
CA VAL A 36 5.68 13.81 10.64
C VAL A 36 6.69 14.95 10.53
N HIS A 37 7.76 14.70 9.80
CA HIS A 37 8.86 15.63 9.61
C HIS A 37 9.15 15.94 8.14
N ASP A 38 9.28 17.21 7.76
CA ASP A 38 9.67 17.65 6.40
C ASP A 38 11.20 17.54 6.14
N LEU A 39 11.66 16.58 5.35
CA LEU A 39 13.09 16.32 5.16
C LEU A 39 13.99 17.54 4.91
N ARG A 40 13.40 18.69 4.59
CA ARG A 40 14.25 19.83 4.25
C ARG A 40 14.83 20.68 5.39
N ARG A 41 14.54 20.42 6.67
CA ARG A 41 15.18 21.25 7.69
C ARG A 41 16.63 20.85 7.83
N TRP A 42 16.96 19.73 7.24
CA TRP A 42 18.30 19.24 7.34
C TRP A 42 19.04 19.44 6.06
N THR A 43 18.67 20.47 5.32
CA THR A 43 19.33 20.74 4.06
C THR A 43 20.44 21.75 4.36
N HIS A 44 21.50 21.72 3.57
CA HIS A 44 22.62 22.59 3.85
C HIS A 44 22.77 23.81 3.01
N ASP A 45 22.00 23.93 1.95
CA ASP A 45 22.21 25.06 1.07
C ASP A 45 20.97 25.90 0.98
N VAL A 46 21.14 27.04 0.33
CA VAL A 46 20.09 28.03 0.26
C VAL A 46 19.01 27.54 -0.70
N HIS A 47 19.37 26.61 -1.58
CA HIS A 47 18.40 26.02 -2.49
C HIS A 47 17.66 24.84 -1.84
N LYS A 48 18.19 24.35 -0.71
CA LYS A 48 17.59 23.25 0.04
C LYS A 48 17.52 21.99 -0.82
N SER A 49 18.66 21.36 -1.05
CA SER A 49 18.74 20.23 -1.95
C SER A 49 18.61 18.86 -1.28
N VAL A 50 17.80 18.00 -1.86
CA VAL A 50 17.63 16.66 -1.34
C VAL A 50 18.22 15.59 -2.28
N ASP A 51 18.36 15.89 -3.57
CA ASP A 51 18.92 14.91 -4.50
C ASP A 51 19.99 15.48 -5.46
N ASP A 52 20.47 14.64 -6.38
CA ASP A 52 21.75 14.84 -7.07
C ASP A 52 21.91 13.71 -8.10
N SER A 53 22.69 13.93 -9.15
CA SER A 53 22.83 12.94 -10.22
C SER A 53 23.40 11.60 -9.80
N PRO A 54 22.93 10.51 -10.42
CA PRO A 54 23.50 9.21 -10.12
C PRO A 54 24.95 9.08 -10.53
N TYR A 55 25.83 8.73 -9.59
CA TYR A 55 27.15 8.24 -9.91
C TYR A 55 26.99 7.06 -10.84
N GLY A 56 27.72 7.08 -11.95
CA GLY A 56 27.67 6.00 -12.93
C GLY A 56 26.84 6.27 -14.18
N GLY A 57 26.20 7.43 -14.26
CA GLY A 57 25.28 7.72 -15.35
C GLY A 57 23.88 7.20 -15.04
N GLY A 58 22.93 7.56 -15.91
CA GLY A 58 21.57 7.14 -15.72
C GLY A 58 20.61 8.30 -15.67
N PRO A 59 19.32 8.02 -15.85
CA PRO A 59 18.25 9.00 -15.68
C PRO A 59 17.72 8.98 -14.26
N GLY A 60 16.99 10.00 -13.86
CA GLY A 60 16.47 10.06 -12.50
C GLY A 60 17.55 10.39 -11.49
N MET A 61 17.13 10.86 -10.32
CA MET A 61 18.08 11.36 -9.35
C MET A 61 18.26 10.42 -8.16
N VAL A 62 19.26 10.69 -7.33
CA VAL A 62 19.55 9.86 -6.15
C VAL A 62 19.53 10.80 -4.97
N MET A 63 19.12 10.33 -3.78
CA MET A 63 19.00 11.26 -2.62
C MET A 63 20.27 11.35 -1.77
N LYS A 64 20.67 12.59 -1.46
CA LYS A 64 21.93 12.89 -0.80
C LYS A 64 22.15 12.21 0.56
N PRO A 65 23.31 11.55 0.74
CA PRO A 65 23.70 10.93 2.01
C PRO A 65 23.92 11.95 3.13
N THR A 66 24.51 13.08 2.79
CA THR A 66 24.70 14.21 3.70
C THR A 66 23.44 14.69 4.45
N VAL A 67 22.32 14.79 3.75
CA VAL A 67 21.09 15.29 4.35
C VAL A 67 20.38 14.24 5.22
N TRP A 68 20.17 13.03 4.66
CA TRP A 68 19.51 11.92 5.37
C TRP A 68 20.37 11.49 6.56
N GLY A 69 21.68 11.60 6.40
CA GLY A 69 22.60 11.42 7.51
C GLY A 69 22.30 12.33 8.70
N ASP A 70 22.27 13.64 8.47
CA ASP A 70 21.93 14.60 9.53
C ASP A 70 20.61 14.28 10.16
N ALA A 71 19.62 13.95 9.33
CA ALA A 71 18.25 13.77 9.77
C ALA A 71 18.12 12.59 10.70
N LEU A 72 18.65 11.45 10.28
CA LEU A 72 18.53 10.23 11.07
C LEU A 72 19.35 10.28 12.32
N ASP A 73 20.42 11.07 12.32
CA ASP A 73 21.28 11.20 13.50
C ASP A 73 20.49 11.85 14.59
N GLU A 74 19.58 12.72 14.19
CA GLU A 74 18.78 13.49 15.12
C GLU A 74 17.55 12.73 15.63
N ILE A 75 16.90 11.96 14.75
CA ILE A 75 15.65 11.30 15.09
CA ILE A 75 15.65 11.29 15.08
C ILE A 75 15.88 9.93 15.72
N CYS A 76 16.86 9.19 15.22
CA CYS A 76 17.13 7.85 15.69
C CYS A 76 17.91 7.72 16.99
N THR A 77 17.52 6.72 17.77
CA THR A 77 18.23 6.23 18.92
C THR A 77 18.74 4.84 18.55
N SER A 78 19.29 4.10 19.49
CA SER A 78 19.85 2.81 19.11
C SER A 78 18.87 1.67 19.40
N GLU A 79 17.69 2.04 19.87
CA GLU A 79 16.59 1.12 20.08
C GLU A 79 15.67 1.17 18.87
N THR A 80 15.97 2.12 18.00
CA THR A 80 15.17 2.42 16.82
C THR A 80 15.16 1.28 15.80
N LEU A 81 13.97 1.05 15.23
CA LEU A 81 13.78 0.23 14.03
C LEU A 81 13.52 1.13 12.83
N LEU A 82 14.45 1.08 11.88
CA LEU A 82 14.43 1.96 10.72
C LEU A 82 13.81 1.29 9.51
N VAL A 83 12.64 1.76 9.12
CA VAL A 83 11.96 1.21 7.98
C VAL A 83 12.13 2.12 6.76
N VAL A 84 12.51 1.49 5.65
CA VAL A 84 12.80 2.16 4.39
C VAL A 84 12.06 1.47 3.27
N PRO A 85 10.92 2.04 2.84
CA PRO A 85 10.14 1.39 1.77
C PRO A 85 10.79 1.53 0.41
N THR A 86 11.00 0.43 -0.29
CA THR A 86 11.53 0.49 -1.64
C THR A 86 11.04 -0.69 -2.46
N PRO A 87 10.95 -0.51 -3.79
CA PRO A 87 10.53 -1.68 -4.58
C PRO A 87 11.57 -2.80 -4.56
N ALA A 88 12.82 -2.50 -4.22
CA ALA A 88 13.84 -3.53 -4.15
C ALA A 88 13.96 -4.14 -2.78
N GLY A 89 12.99 -3.88 -1.91
CA GLY A 89 13.06 -4.33 -0.54
C GLY A 89 12.70 -5.78 -0.35
N TYR A 90 12.78 -6.24 0.89
CA TYR A 90 12.16 -7.51 1.28
C TYR A 90 10.62 -7.32 1.28
N PRO A 91 9.87 -8.42 1.13
CA PRO A 91 8.41 -8.36 1.22
C PRO A 91 7.89 -7.98 2.59
N PHE A 92 7.01 -6.99 2.61
CA PHE A 92 6.26 -6.66 3.81
C PHE A 92 4.97 -7.51 3.90
N THR A 93 4.96 -8.49 4.81
CA THR A 93 3.80 -9.39 4.96
C THR A 93 3.04 -9.20 6.30
N GLN A 94 2.08 -10.07 6.60
CA GLN A 94 1.33 -9.98 7.86
C GLN A 94 2.20 -10.41 9.04
N GLU A 95 3.10 -11.34 8.77
CA GLU A 95 4.05 -11.77 9.77
C GLU A 95 4.93 -10.57 10.16
N THR A 96 5.25 -9.73 9.19
CA THR A 96 6.08 -8.55 9.42
C THR A 96 5.34 -7.51 10.25
N ALA A 97 4.05 -7.30 9.96
CA ALA A 97 3.23 -6.38 10.74
C ALA A 97 3.11 -6.80 12.21
N TRP A 98 2.83 -8.09 12.44
CA TRP A 98 2.77 -8.66 13.80
C TRP A 98 4.03 -8.40 14.58
N GLN A 99 5.17 -8.65 13.95
CA GLN A 99 6.46 -8.49 14.59
C GLN A 99 6.71 -7.05 15.00
N TRP A 100 6.36 -6.11 14.12
CA TRP A 100 6.69 -4.71 14.35
C TRP A 100 5.74 -4.11 15.34
N SER A 101 4.63 -4.80 15.58
CA SER A 101 3.56 -4.30 16.44
C SER A 101 3.97 -4.21 17.92
N THR A 102 5.09 -4.83 18.25
CA THR A 102 5.60 -4.86 19.63
C THR A 102 6.88 -4.01 19.82
N GLU A 103 7.17 -3.19 18.81
CA GLU A 103 8.33 -2.31 18.78
C GLU A 103 8.03 -0.99 19.47
N ASP A 104 9.06 -0.30 19.96
CA ASP A 104 8.84 0.93 20.71
C ASP A 104 9.03 2.22 19.93
N HIS A 105 9.94 2.21 18.97
CA HIS A 105 10.16 3.37 18.14
C HIS A 105 10.34 2.89 16.74
N LEU A 106 9.45 3.35 15.88
CA LEU A 106 9.52 3.11 14.43
C LEU A 106 9.87 4.38 13.69
N VAL A 107 10.98 4.35 12.95
CA VAL A 107 11.34 5.46 12.07
C VAL A 107 11.21 5.06 10.61
N ILE A 108 10.34 5.76 9.90
CA ILE A 108 10.11 5.51 8.48
C ILE A 108 10.62 6.62 7.54
N ALA A 109 11.66 6.27 6.78
CA ALA A 109 12.28 7.17 5.83
C ALA A 109 11.68 7.06 4.43
N CYS A 110 10.98 8.10 4.01
CA CYS A 110 10.33 8.10 2.74
C CYS A 110 11.20 8.67 1.63
N GLY A 111 11.58 7.82 0.70
CA GLY A 111 12.42 8.25 -0.36
C GLY A 111 11.66 8.38 -1.63
N ARG A 112 12.20 9.12 -2.56
CA ARG A 112 11.56 9.35 -3.82
C ARG A 112 12.47 8.95 -4.96
N TYR A 113 12.00 9.08 -6.18
CA TYR A 113 12.77 8.74 -7.38
C TYR A 113 13.42 7.37 -7.33
N GLU A 114 14.66 7.32 -7.82
CA GLU A 114 15.46 6.11 -7.85
C GLU A 114 16.22 5.78 -6.59
N GLY A 115 15.71 6.12 -5.44
CA GLY A 115 16.37 5.80 -4.21
C GLY A 115 17.18 6.81 -3.45
N ILE A 116 17.64 6.33 -2.31
CA ILE A 116 18.52 7.05 -1.41
C ILE A 116 19.88 6.44 -1.59
N ASP A 117 20.95 7.25 -1.56
CA ASP A 117 22.31 6.73 -1.52
C ASP A 117 22.42 5.52 -0.60
N GLN A 118 23.07 4.46 -1.07
CA GLN A 118 23.08 3.21 -0.31
C GLN A 118 23.79 3.34 1.02
N ARG A 119 24.75 4.26 1.11
CA ARG A 119 25.59 4.40 2.28
C ARG A 119 24.82 4.82 3.53
N VAL A 120 23.70 5.47 3.33
CA VAL A 120 22.87 5.94 4.42
C VAL A 120 22.38 4.76 5.24
N ALA A 121 21.75 3.80 4.59
CA ALA A 121 21.29 2.58 5.24
C ALA A 121 22.46 1.77 5.74
N ASP A 122 23.52 1.71 4.95
CA ASP A 122 24.69 0.92 5.31
C ASP A 122 25.21 1.36 6.67
N ASP A 123 25.33 2.69 6.83
CA ASP A 123 25.88 3.29 8.02
C ASP A 123 24.95 3.15 9.23
N ALA A 124 23.66 3.26 8.99
CA ALA A 124 22.69 3.24 10.06
C ALA A 124 22.74 1.87 10.73
N ALA A 125 23.03 0.87 9.90
CA ALA A 125 22.99 -0.55 10.27
C ALA A 125 24.14 -0.98 11.16
N THR A 126 25.12 -0.09 11.31
CA THR A 126 26.22 -0.31 12.24
C THR A 126 25.82 0.06 13.68
N ARG A 127 24.65 0.69 13.85
CA ARG A 127 24.21 1.04 15.19
C ARG A 127 22.70 0.94 15.41
N MET A 128 21.97 0.44 14.42
CA MET A 128 20.57 0.10 14.67
C MET A 128 20.11 -1.01 13.73
N ARG A 129 18.86 -1.43 13.86
CA ARG A 129 18.27 -2.43 12.96
C ARG A 129 17.55 -1.74 11.82
N VAL A 130 18.00 -2.02 10.61
CA VAL A 130 17.41 -1.45 9.40
C VAL A 130 16.64 -2.54 8.64
N ARG A 131 15.47 -2.18 8.10
CA ARG A 131 14.67 -3.08 7.27
C ARG A 131 14.19 -2.33 6.02
N GLU A 132 14.78 -2.63 4.87
CA GLU A 132 14.28 -2.16 3.59
C GLU A 132 13.14 -3.10 3.16
N VAL A 133 12.00 -2.56 2.71
CA VAL A 133 10.83 -3.41 2.44
C VAL A 133 9.91 -2.96 1.28
N SER A 134 9.37 -3.94 0.57
CA SER A 134 8.45 -3.69 -0.53
CA SER A 134 8.44 -3.67 -0.53
C SER A 134 7.03 -4.14 -0.19
N ILE A 135 6.06 -3.24 -0.32
CA ILE A 135 4.68 -3.55 0.02
C ILE A 135 3.93 -4.28 -1.10
N GLY A 136 4.59 -4.55 -2.22
CA GLY A 136 3.99 -5.25 -3.36
C GLY A 136 4.86 -5.18 -4.62
N ASP A 137 4.41 -5.80 -5.71
CA ASP A 137 5.21 -5.89 -6.94
C ASP A 137 4.84 -4.88 -8.02
N TYR A 138 5.25 -3.65 -7.80
CA TYR A 138 4.91 -2.52 -8.63
C TYR A 138 5.75 -1.35 -8.12
N VAL A 139 5.87 -0.32 -8.94
CA VAL A 139 6.68 0.84 -8.58
C VAL A 139 5.77 2.06 -8.33
N LEU A 140 5.99 2.73 -7.23
CA LEU A 140 5.29 3.94 -6.91
C LEU A 140 6.33 5.06 -7.01
N ASN A 141 5.90 6.28 -7.17
CA ASN A 141 6.85 7.37 -7.29
C ASN A 141 7.73 7.55 -6.11
N GLY A 142 7.14 7.50 -4.93
CA GLY A 142 7.84 7.67 -3.69
C GLY A 142 7.36 6.74 -2.61
N GLY A 143 7.98 6.83 -1.45
CA GLY A 143 7.69 5.93 -0.36
C GLY A 143 6.50 6.25 0.49
N GLU A 144 5.81 7.36 0.20
CA GLU A 144 4.73 7.90 1.04
C GLU A 144 3.51 6.99 1.26
N ALA A 145 2.93 6.50 0.16
CA ALA A 145 1.72 5.68 0.29
C ALA A 145 2.04 4.32 0.90
N ALA A 146 3.25 3.84 0.60
CA ALA A 146 3.77 2.65 1.22
C ALA A 146 3.80 2.83 2.72
N ALA A 147 4.25 4.01 3.15
CA ALA A 147 4.30 4.34 4.57
C ALA A 147 2.90 4.31 5.19
N LEU A 148 1.96 4.99 4.54
CA LEU A 148 0.56 4.89 4.93
C LEU A 148 0.06 3.44 5.18
N VAL A 149 0.28 2.56 4.20
CA VAL A 149 -0.11 1.15 4.30
C VAL A 149 0.50 0.54 5.53
N ILE A 150 1.81 0.55 5.60
CA ILE A 150 2.55 -0.01 6.73
C ILE A 150 2.05 0.49 8.10
N ILE A 151 1.88 1.80 8.23
CA ILE A 151 1.37 2.35 9.49
C ILE A 151 -0.01 1.78 9.83
N GLU A 152 -0.99 1.90 8.92
CA GLU A 152 -2.32 1.31 9.13
C GLU A 152 -2.26 -0.20 9.42
N ALA A 153 -1.44 -0.91 8.67
CA ALA A 153 -1.29 -2.37 8.81
C ALA A 153 -0.72 -2.80 10.17
N VAL A 154 0.33 -2.12 10.61
CA VAL A 154 0.92 -2.39 11.93
C VAL A 154 0.01 -1.95 13.10
N LEU A 155 -0.60 -0.77 13.02
CA LEU A 155 -1.33 -0.22 14.19
C LEU A 155 -2.68 -0.90 14.47
N ARG A 156 -3.31 -1.44 13.44
CA ARG A 156 -4.54 -2.22 13.60
C ARG A 156 -4.23 -3.55 14.31
N LEU A 157 -2.98 -3.74 14.70
CA LEU A 157 -2.52 -4.92 15.42
C LEU A 157 -2.12 -4.58 16.84
N VAL A 158 -2.05 -3.29 17.14
CA VAL A 158 -1.78 -2.86 18.51
C VAL A 158 -3.12 -2.63 19.20
N PRO A 159 -3.38 -3.42 20.26
CA PRO A 159 -4.70 -3.43 20.91
C PRO A 159 -5.10 -2.06 21.43
N GLY A 160 -6.31 -1.63 21.07
CA GLY A 160 -6.87 -0.39 21.56
C GLY A 160 -6.43 0.85 20.79
N VAL A 161 -5.91 0.66 19.58
CA VAL A 161 -5.42 1.81 18.83
C VAL A 161 -6.38 2.26 17.74
N LEU A 162 -6.54 1.47 16.67
CA LEU A 162 -7.39 1.91 15.55
C LEU A 162 -8.87 1.51 15.65
N SER A 179 -3.05 -21.47 4.89
CA SER A 179 -4.06 -20.44 5.07
C SER A 179 -4.70 -20.11 3.76
N LEU A 180 -6.03 -20.05 3.76
CA LEU A 180 -6.74 -19.74 2.55
C LEU A 180 -7.29 -18.35 2.59
N LEU A 181 -7.99 -17.99 1.54
CA LEU A 181 -8.67 -16.70 1.45
C LEU A 181 -10.08 -16.73 2.04
N GLU A 182 -10.50 -15.62 2.65
CA GLU A 182 -11.87 -15.48 3.18
C GLU A 182 -12.85 -15.46 2.04
N GLY A 183 -13.94 -16.21 2.21
CA GLY A 183 -14.98 -16.28 1.20
C GLY A 183 -16.04 -15.22 1.38
N PRO A 184 -16.99 -15.15 0.44
CA PRO A 184 -18.10 -14.19 0.38
C PRO A 184 -18.87 -13.97 1.70
N SER A 185 -19.41 -12.76 1.84
CA SER A 185 -20.23 -12.39 2.98
CA SER A 185 -20.26 -12.46 2.98
C SER A 185 -21.53 -11.71 2.54
N TYR A 186 -22.61 -11.94 3.29
CA TYR A 186 -23.93 -11.43 2.95
C TYR A 186 -24.64 -10.80 4.14
N THR A 187 -25.57 -9.88 3.91
CA THR A 187 -26.43 -9.37 5.00
C THR A 187 -27.84 -9.01 4.54
N ARG A 188 -28.63 -8.44 5.41
CA ARG A 188 -29.99 -8.06 5.09
C ARG A 188 -29.98 -7.09 3.93
N PRO A 189 -30.90 -7.21 2.97
CA PRO A 189 -32.08 -8.07 2.85
C PRO A 189 -31.78 -9.43 2.21
N PRO A 190 -32.63 -10.44 2.46
CA PRO A 190 -32.35 -11.80 2.00
C PRO A 190 -32.36 -11.93 0.47
N SER A 191 -33.09 -11.02 -0.18
CA SER A 191 -33.11 -10.95 -1.64
CA SER A 191 -33.13 -10.95 -1.63
C SER A 191 -32.93 -9.51 -2.10
N TRP A 192 -31.97 -9.31 -2.99
CA TRP A 192 -31.66 -8.02 -3.55
C TRP A 192 -31.34 -8.21 -5.04
N ARG A 193 -32.03 -7.46 -5.90
CA ARG A 193 -31.89 -7.53 -7.37
C ARG A 193 -31.82 -8.97 -7.94
N GLY A 194 -32.67 -9.83 -7.42
CA GLY A 194 -32.86 -11.14 -8.00
C GLY A 194 -31.77 -12.10 -7.60
N MET A 195 -30.99 -11.72 -6.59
CA MET A 195 -30.01 -12.64 -6.04
C MET A 195 -30.32 -12.87 -4.56
N ASP A 196 -30.36 -14.15 -4.19
CA ASP A 196 -30.67 -14.61 -2.84
C ASP A 196 -29.44 -14.92 -1.99
N VAL A 197 -29.53 -14.67 -0.69
CA VAL A 197 -28.50 -15.16 0.22
C VAL A 197 -28.51 -16.70 0.27
N PRO A 198 -27.31 -17.31 0.15
CA PRO A 198 -27.18 -18.76 0.19
C PRO A 198 -27.93 -19.38 1.37
N PRO A 199 -28.90 -20.27 1.09
CA PRO A 199 -29.91 -20.69 2.05
C PRO A 199 -29.30 -21.42 3.22
N VAL A 200 -28.11 -21.98 3.05
CA VAL A 200 -27.42 -22.66 4.14
C VAL A 200 -27.14 -21.72 5.34
N LEU A 201 -27.07 -20.42 5.09
CA LEU A 201 -26.66 -19.49 6.13
C LEU A 201 -27.81 -19.17 7.07
N LEU A 202 -29.01 -19.59 6.68
CA LEU A 202 -30.20 -19.36 7.50
C LEU A 202 -30.74 -20.69 8.03
N SER A 203 -29.94 -21.74 7.85
CA SER A 203 -30.34 -23.10 8.17
C SER A 203 -30.39 -23.45 9.66
N GLY A 204 -29.59 -22.77 10.48
CA GLY A 204 -29.50 -23.09 11.89
C GLY A 204 -28.55 -24.25 12.19
N ASP A 205 -27.84 -24.72 11.17
CA ASP A 205 -26.96 -25.89 11.27
C ASP A 205 -25.52 -25.42 11.16
N HIS A 206 -24.86 -25.24 12.29
CA HIS A 206 -23.61 -24.49 12.31
C HIS A 206 -22.40 -25.33 11.95
N ALA A 207 -22.46 -26.62 12.26
CA ALA A 207 -21.47 -27.56 11.76
C ALA A 207 -21.49 -27.57 10.24
N LYS A 208 -22.68 -27.56 9.64
CA LYS A 208 -22.83 -27.51 8.18
C LYS A 208 -22.38 -26.19 7.53
N ILE A 209 -22.64 -25.05 8.19
CA ILE A 209 -22.21 -23.75 7.65
C ILE A 209 -20.69 -23.59 7.69
N ALA A 210 -20.05 -24.14 8.72
CA ALA A 210 -18.60 -24.08 8.85
C ALA A 210 -17.89 -24.76 7.68
N ALA A 211 -18.52 -25.81 7.18
CA ALA A 211 -17.98 -26.59 6.07
C ALA A 211 -18.24 -25.92 4.72
N TRP A 212 -19.44 -25.34 4.56
CA TRP A 212 -19.79 -24.61 3.36
C TRP A 212 -18.81 -23.47 3.10
N ARG A 213 -18.47 -22.75 4.16
CA ARG A 213 -17.50 -21.67 4.10
C ARG A 213 -16.12 -22.18 3.71
N ALA A 214 -15.80 -23.37 4.21
CA ALA A 214 -14.52 -23.99 3.90
C ALA A 214 -14.36 -24.24 2.41
N GLU A 215 -15.38 -24.83 1.79
CA GLU A 215 -15.34 -25.07 0.35
C GLU A 215 -15.20 -23.76 -0.43
N GLN A 216 -15.97 -22.76 -0.01
CA GLN A 216 -15.98 -21.46 -0.65
C GLN A 216 -14.61 -20.84 -0.66
N SER A 217 -13.90 -21.03 0.44
CA SER A 217 -12.55 -20.49 0.62
CA SER A 217 -12.55 -20.49 0.61
C SER A 217 -11.54 -21.18 -0.30
N ARG A 218 -11.65 -22.51 -0.38
CA ARG A 218 -10.77 -23.32 -1.20
C ARG A 218 -10.91 -22.96 -2.67
N GLN A 219 -12.14 -23.06 -3.18
CA GLN A 219 -12.45 -22.66 -4.54
C GLN A 219 -11.86 -21.29 -4.89
N ARG A 220 -12.16 -20.30 -4.05
CA ARG A 220 -11.68 -18.95 -4.24
C ARG A 220 -10.18 -18.92 -4.35
N THR A 221 -9.51 -19.54 -3.40
CA THR A 221 -8.05 -19.53 -3.33
C THR A 221 -7.42 -20.17 -4.56
N ILE A 222 -8.01 -21.26 -5.05
CA ILE A 222 -7.54 -21.92 -6.27
C ILE A 222 -7.62 -20.99 -7.47
N GLU A 223 -8.77 -20.34 -7.62
CA GLU A 223 -8.99 -19.36 -8.69
C GLU A 223 -8.04 -18.17 -8.57
N ARG A 224 -8.10 -17.49 -7.43
CA ARG A 224 -7.46 -16.19 -7.26
C ARG A 224 -5.98 -16.30 -6.85
N ARG A 225 -5.65 -17.28 -6.02
CA ARG A 225 -4.30 -17.39 -5.45
C ARG A 225 -3.72 -18.81 -5.41
N PRO A 226 -3.49 -19.43 -6.58
CA PRO A 226 -2.98 -20.81 -6.63
C PRO A 226 -1.55 -20.99 -6.10
N ASP A 227 -0.89 -19.90 -5.74
CA ASP A 227 0.40 -19.98 -5.09
C ASP A 227 0.25 -20.54 -3.68
N LEU A 228 -0.77 -20.08 -2.97
CA LEU A 228 -0.94 -20.42 -1.57
C LEU A 228 -1.21 -21.89 -1.36
N LEU A 229 -1.39 -22.61 -2.46
CA LEU A 229 -1.74 -24.03 -2.46
C LEU A 229 -0.70 -24.85 -3.24
N SER B 2 -6.47 11.42 -21.70
CA SER B 2 -7.40 11.88 -20.68
C SER B 2 -8.16 10.71 -20.01
N MET B 3 -8.39 10.82 -18.71
CA MET B 3 -8.89 9.71 -17.91
C MET B 3 -9.58 10.20 -16.63
N LYS B 4 -10.63 9.51 -16.23
CA LYS B 4 -11.45 9.92 -15.09
C LYS B 4 -11.41 8.86 -14.00
N ILE B 5 -11.04 9.26 -12.78
CA ILE B 5 -11.04 8.32 -11.67
C ILE B 5 -12.03 8.74 -10.57
N ASP B 6 -12.92 7.81 -10.20
CA ASP B 6 -13.90 8.04 -9.11
C ASP B 6 -13.66 7.18 -7.88
N VAL B 7 -13.80 7.76 -6.69
CA VAL B 7 -13.57 7.01 -5.46
C VAL B 7 -14.74 7.11 -4.47
N VAL B 8 -15.23 5.97 -3.98
CA VAL B 8 -16.31 6.04 -3.00
C VAL B 8 -15.85 5.50 -1.65
N THR B 9 -16.11 6.27 -0.60
CA THR B 9 -15.69 5.91 0.75
C THR B 9 -16.61 6.53 1.84
N ILE B 10 -16.59 5.96 3.03
CA ILE B 10 -17.28 6.55 4.18
C ILE B 10 -16.32 7.44 4.96
N PHE B 11 -15.08 7.47 4.54
CA PHE B 11 -14.09 8.31 5.16
C PHE B 11 -13.46 9.09 4.07
N PRO B 12 -14.17 10.04 3.48
CA PRO B 12 -13.66 10.87 2.40
C PRO B 12 -12.58 11.89 2.71
N GLU B 13 -12.14 11.94 3.95
CA GLU B 13 -11.13 12.85 4.37
C GLU B 13 -9.76 12.30 4.05
N TYR B 14 -9.63 11.00 4.03
CA TYR B 14 -8.39 10.35 3.71
C TYR B 14 -7.86 10.80 2.38
N LEU B 15 -8.57 10.53 1.30
CA LEU B 15 -8.07 10.89 -0.01
C LEU B 15 -8.04 12.38 -0.27
N GLN B 16 -7.21 13.15 0.41
CA GLN B 16 -7.31 14.54 0.14
C GLN B 16 -5.92 15.07 -0.01
N PRO B 17 -4.97 14.19 -0.25
CA PRO B 17 -3.65 14.80 -0.25
C PRO B 17 -3.57 16.05 -1.14
N VAL B 18 -4.18 15.99 -2.33
CA VAL B 18 -4.21 17.09 -3.29
C VAL B 18 -2.86 17.78 -3.44
N GLY B 24 2.97 14.55 -6.51
CA GLY B 24 3.30 13.24 -7.05
C GLY B 24 2.21 12.80 -7.98
N LYS B 25 1.16 12.19 -7.42
CA LYS B 25 -0.09 11.96 -8.15
C LYS B 25 -0.90 13.26 -8.23
N ALA B 26 -0.39 14.27 -7.51
CA ALA B 26 -1.06 15.55 -7.34
C ALA B 26 -0.79 16.47 -8.51
N ILE B 27 0.42 16.38 -9.06
CA ILE B 27 0.80 17.18 -10.22
C ILE B 27 -0.02 16.76 -11.44
N ASP B 28 -1.05 17.53 -11.78
CA ASP B 28 -1.75 17.26 -13.04
C ASP B 28 -2.03 18.55 -13.85
N ALA B 29 -1.65 18.47 -15.12
CA ALA B 29 -2.03 19.44 -16.13
C ALA B 29 -3.22 18.88 -16.89
N GLY B 30 -4.26 18.48 -16.15
CA GLY B 30 -5.54 18.13 -16.74
C GLY B 30 -5.58 16.89 -17.62
N LEU B 31 -4.59 16.03 -17.48
CA LEU B 31 -4.59 14.76 -18.20
C LEU B 31 -5.52 13.73 -17.51
N VAL B 32 -5.83 13.95 -16.23
CA VAL B 32 -6.90 13.21 -15.53
C VAL B 32 -7.59 14.04 -14.43
N ASP B 33 -8.88 13.74 -14.24
CA ASP B 33 -9.69 14.36 -13.19
C ASP B 33 -10.08 13.28 -12.17
N VAL B 34 -10.02 13.64 -10.88
CA VAL B 34 -10.31 12.72 -9.78
C VAL B 34 -11.40 13.20 -8.81
N ALA B 35 -12.42 12.38 -8.56
CA ALA B 35 -13.55 12.76 -7.68
C ALA B 35 -13.73 11.81 -6.50
N VAL B 36 -14.05 12.35 -5.33
CA VAL B 36 -14.24 11.54 -4.12
C VAL B 36 -15.66 11.70 -3.56
N HIS B 37 -16.33 10.59 -3.23
CA HIS B 37 -17.74 10.65 -2.82
C HIS B 37 -18.02 10.01 -1.47
N ASP B 38 -18.90 10.62 -0.69
CA ASP B 38 -19.32 10.06 0.58
C ASP B 38 -20.48 9.11 0.36
N LEU B 39 -20.25 7.82 0.57
CA LEU B 39 -21.27 6.79 0.37
C LEU B 39 -22.57 7.07 1.15
N ARG B 40 -22.47 7.91 2.18
CA ARG B 40 -23.62 8.28 2.97
C ARG B 40 -24.54 9.22 2.20
N ARG B 41 -24.08 9.72 1.06
CA ARG B 41 -24.92 10.54 0.19
C ARG B 41 -26.07 9.72 -0.41
N TRP B 42 -26.04 8.40 -0.24
CA TRP B 42 -27.07 7.55 -0.83
C TRP B 42 -27.92 6.75 0.18
N THR B 43 -27.87 7.15 1.44
CA THR B 43 -28.71 6.55 2.46
C THR B 43 -29.98 7.37 2.63
N HIS B 44 -30.97 6.81 3.33
CA HIS B 44 -32.27 7.46 3.48
C HIS B 44 -32.70 7.67 4.94
N ASP B 45 -32.40 6.70 5.79
CA ASP B 45 -32.81 6.78 7.20
C ASP B 45 -31.99 7.85 7.95
N VAL B 46 -32.53 8.30 9.08
CA VAL B 46 -31.93 9.39 9.84
C VAL B 46 -30.56 9.04 10.42
N HIS B 47 -30.36 7.75 10.72
CA HIS B 47 -29.14 7.30 11.37
C HIS B 47 -27.96 7.10 10.42
N LYS B 48 -28.24 7.07 9.11
CA LYS B 48 -27.24 6.90 8.05
C LYS B 48 -26.57 5.53 8.06
N SER B 49 -27.37 4.47 8.25
CA SER B 49 -26.84 3.12 8.46
C SER B 49 -26.33 2.48 7.17
N VAL B 50 -25.05 2.13 7.17
CA VAL B 50 -24.45 1.54 5.98
C VAL B 50 -23.97 0.10 6.23
N ASP B 51 -24.08 -0.39 7.47
CA ASP B 51 -23.70 -1.77 7.82
C ASP B 51 -24.76 -2.57 8.63
N ASP B 52 -24.57 -3.89 8.67
CA ASP B 52 -25.47 -4.84 9.33
C ASP B 52 -24.64 -6.06 9.71
N SER B 53 -25.20 -6.94 10.53
CA SER B 53 -24.47 -8.14 10.95
C SER B 53 -24.55 -9.24 9.90
N PRO B 54 -23.49 -10.05 9.78
CA PRO B 54 -23.45 -11.11 8.77
C PRO B 54 -24.49 -12.22 8.94
N TYR B 55 -24.89 -12.73 7.78
CA TYR B 55 -25.72 -13.90 7.67
C TYR B 55 -24.87 -15.15 7.83
N GLY B 56 -25.30 -16.07 8.69
CA GLY B 56 -24.56 -17.27 8.95
C GLY B 56 -23.73 -17.14 10.22
N GLY B 57 -23.61 -15.92 10.72
CA GLY B 57 -22.82 -15.66 11.90
C GLY B 57 -21.40 -15.27 11.57
N GLY B 58 -20.62 -15.08 12.63
CA GLY B 58 -19.26 -14.61 12.51
C GLY B 58 -19.08 -13.21 13.07
N PRO B 59 -17.83 -12.83 13.35
CA PRO B 59 -17.45 -11.53 13.92
C PRO B 59 -17.57 -10.35 12.95
N GLY B 60 -17.84 -9.15 13.48
CA GLY B 60 -17.85 -7.95 12.67
C GLY B 60 -19.10 -7.67 11.87
N MET B 61 -19.07 -6.60 11.08
CA MET B 61 -20.22 -6.12 10.31
C MET B 61 -19.88 -6.23 8.86
N VAL B 62 -20.93 -6.22 8.04
CA VAL B 62 -20.82 -6.21 6.59
C VAL B 62 -21.54 -4.96 6.07
N MET B 63 -21.01 -4.39 4.98
CA MET B 63 -21.65 -3.25 4.34
C MET B 63 -22.88 -3.68 3.54
N LYS B 64 -23.96 -2.91 3.67
CA LYS B 64 -25.24 -3.27 3.04
C LYS B 64 -25.16 -3.23 1.53
N PRO B 65 -25.90 -4.13 0.86
CA PRO B 65 -25.92 -4.17 -0.61
C PRO B 65 -26.72 -3.02 -1.25
N THR B 66 -27.80 -2.60 -0.61
CA THR B 66 -28.68 -1.57 -1.17
C THR B 66 -28.03 -0.18 -1.39
N VAL B 67 -27.23 0.27 -0.43
CA VAL B 67 -26.65 1.60 -0.44
C VAL B 67 -25.56 1.75 -1.49
N TRP B 68 -24.69 0.74 -1.59
CA TRP B 68 -23.64 0.67 -2.60
C TRP B 68 -24.23 0.56 -4.01
N GLY B 69 -25.29 -0.24 -4.12
CA GLY B 69 -25.99 -0.43 -5.37
C GLY B 69 -26.55 0.88 -5.91
N ASP B 70 -27.26 1.65 -5.09
CA ASP B 70 -27.73 2.98 -5.50
C ASP B 70 -26.59 3.86 -6.01
N ALA B 71 -25.58 4.08 -5.17
CA ALA B 71 -24.40 4.88 -5.53
C ALA B 71 -23.85 4.55 -6.90
N LEU B 72 -23.55 3.27 -7.12
CA LEU B 72 -22.88 2.82 -8.33
C LEU B 72 -23.76 2.99 -9.55
N ASP B 73 -25.08 2.89 -9.34
CA ASP B 73 -26.03 3.17 -10.39
C ASP B 73 -25.79 4.56 -10.94
N GLU B 74 -25.70 5.53 -10.03
CA GLU B 74 -25.50 6.93 -10.40
C GLU B 74 -24.13 7.20 -11.05
N ILE B 75 -23.09 6.59 -10.51
CA ILE B 75 -21.72 6.92 -10.91
C ILE B 75 -21.17 6.09 -12.07
N CYS B 76 -21.48 4.79 -12.08
CA CYS B 76 -20.92 3.90 -13.11
C CYS B 76 -21.68 3.88 -14.43
N THR B 77 -20.94 3.52 -15.48
CA THR B 77 -21.51 3.29 -16.81
C THR B 77 -21.09 1.89 -17.26
N SER B 78 -21.47 1.53 -18.48
CA SER B 78 -21.13 0.23 -19.07
C SER B 78 -19.66 0.13 -19.47
N GLU B 79 -19.04 1.27 -19.74
CA GLU B 79 -17.66 1.34 -20.18
C GLU B 79 -16.70 1.30 -18.99
N THR B 80 -17.25 1.39 -17.79
CA THR B 80 -16.47 1.51 -16.56
C THR B 80 -15.72 0.23 -16.13
N LEU B 81 -14.52 0.44 -15.58
CA LEU B 81 -13.86 -0.60 -14.81
C LEU B 81 -14.06 -0.37 -13.30
N LEU B 82 -14.66 -1.36 -12.64
CA LEU B 82 -14.89 -1.32 -11.20
C LEU B 82 -13.77 -2.01 -10.41
N VAL B 83 -13.08 -1.25 -9.58
CA VAL B 83 -11.99 -1.75 -8.76
C VAL B 83 -12.49 -1.89 -7.34
N VAL B 84 -12.36 -3.08 -6.77
CA VAL B 84 -12.65 -3.31 -5.37
C VAL B 84 -11.42 -3.85 -4.68
N PRO B 85 -10.75 -3.02 -3.86
CA PRO B 85 -9.61 -3.48 -3.08
C PRO B 85 -10.06 -4.43 -1.97
N THR B 86 -9.36 -5.54 -1.80
CA THR B 86 -9.73 -6.56 -0.82
C THR B 86 -8.62 -7.59 -0.66
N PRO B 87 -8.34 -8.02 0.59
CA PRO B 87 -7.25 -9.01 0.76
C PRO B 87 -7.57 -10.36 0.10
N ALA B 88 -8.85 -10.60 -0.19
CA ALA B 88 -9.34 -11.83 -0.80
C ALA B 88 -9.35 -11.82 -2.33
N GLY B 89 -8.89 -10.71 -2.95
CA GLY B 89 -8.86 -10.59 -4.39
C GLY B 89 -7.61 -11.13 -5.08
N TYR B 90 -7.60 -11.05 -6.41
CA TYR B 90 -6.41 -11.34 -7.23
C TYR B 90 -5.28 -10.32 -6.96
N PRO B 91 -4.02 -10.77 -7.08
CA PRO B 91 -2.86 -9.88 -6.94
C PRO B 91 -2.88 -8.70 -7.91
N PHE B 92 -2.47 -7.53 -7.40
CA PHE B 92 -2.37 -6.31 -8.18
C PHE B 92 -0.89 -6.06 -8.46
N THR B 93 -0.48 -6.27 -9.71
CA THR B 93 0.93 -6.16 -10.06
C THR B 93 1.23 -5.04 -11.02
N GLN B 94 2.50 -4.96 -11.39
CA GLN B 94 3.00 -3.99 -12.34
C GLN B 94 2.23 -4.09 -13.64
N GLU B 95 1.92 -5.34 -14.01
CA GLU B 95 1.19 -5.64 -15.22
C GLU B 95 -0.25 -5.15 -15.18
N THR B 96 -0.84 -5.16 -14.00
CA THR B 96 -2.19 -4.61 -13.79
C THR B 96 -2.16 -3.11 -13.94
N ALA B 97 -1.10 -2.47 -13.45
CA ALA B 97 -1.00 -1.01 -13.52
C ALA B 97 -0.91 -0.53 -14.96
N TRP B 98 -0.03 -1.18 -15.75
CA TRP B 98 0.11 -0.96 -17.21
C TRP B 98 -1.24 -1.06 -17.93
N GLN B 99 -1.96 -2.13 -17.64
CA GLN B 99 -3.27 -2.36 -18.22
C GLN B 99 -4.26 -1.25 -17.89
N TRP B 100 -4.33 -0.84 -16.62
CA TRP B 100 -5.34 0.14 -16.21
C TRP B 100 -4.90 1.56 -16.57
N SER B 101 -3.67 1.71 -17.04
CA SER B 101 -3.18 3.02 -17.47
C SER B 101 -3.79 3.43 -18.80
N THR B 102 -4.47 2.50 -19.44
CA THR B 102 -5.09 2.78 -20.74
C THR B 102 -6.60 3.04 -20.63
N GLU B 103 -7.17 2.77 -19.45
CA GLU B 103 -8.60 2.93 -19.22
C GLU B 103 -9.19 4.36 -19.26
N ASP B 104 -10.45 4.45 -19.64
CA ASP B 104 -11.11 5.75 -19.64
C ASP B 104 -11.69 6.03 -18.27
N HIS B 105 -12.35 5.04 -17.68
CA HIS B 105 -13.01 5.27 -16.41
C HIS B 105 -12.74 4.21 -15.34
N LEU B 106 -12.17 4.66 -14.23
CA LEU B 106 -11.99 3.82 -13.06
C LEU B 106 -12.87 4.27 -11.91
N VAL B 107 -13.58 3.33 -11.29
CA VAL B 107 -14.26 3.61 -10.03
C VAL B 107 -13.76 2.69 -8.92
N ILE B 108 -13.17 3.26 -7.87
CA ILE B 108 -12.70 2.48 -6.73
C ILE B 108 -13.68 2.48 -5.54
N ALA B 109 -14.06 1.29 -5.12
CA ALA B 109 -15.00 1.11 -4.02
C ALA B 109 -14.25 0.77 -2.73
N CYS B 110 -14.36 1.64 -1.74
CA CYS B 110 -13.64 1.43 -0.49
C CYS B 110 -14.52 0.76 0.54
N GLY B 111 -14.16 -0.42 0.95
CA GLY B 111 -14.95 -1.07 1.93
C GLY B 111 -14.30 -0.99 3.27
N ARG B 112 -15.13 -1.02 4.29
CA ARG B 112 -14.70 -1.05 5.67
C ARG B 112 -15.34 -2.28 6.33
N TYR B 113 -15.19 -2.40 7.62
CA TYR B 113 -15.66 -3.55 8.40
C TYR B 113 -15.05 -4.83 7.88
N GLU B 114 -15.85 -5.88 7.85
CA GLU B 114 -15.38 -7.16 7.38
C GLU B 114 -15.48 -7.28 5.90
N GLY B 115 -16.46 -6.63 5.31
CA GLY B 115 -16.55 -6.69 3.90
C GLY B 115 -17.78 -6.04 3.38
N ILE B 116 -18.00 -6.21 2.09
CA ILE B 116 -19.17 -5.72 1.40
C ILE B 116 -19.96 -6.93 0.90
N ASP B 117 -21.28 -6.82 0.86
CA ASP B 117 -22.14 -7.89 0.37
C ASP B 117 -21.61 -8.40 -0.95
N GLN B 118 -21.63 -9.71 -1.14
CA GLN B 118 -21.06 -10.26 -2.38
C GLN B 118 -21.90 -9.89 -3.58
N ARG B 119 -23.21 -9.78 -3.34
CA ARG B 119 -24.16 -9.46 -4.41
C ARG B 119 -23.90 -8.12 -5.10
N VAL B 120 -23.22 -7.21 -4.42
CA VAL B 120 -22.88 -5.90 -4.97
C VAL B 120 -21.97 -6.00 -6.20
N ALA B 121 -20.91 -6.80 -6.11
CA ALA B 121 -20.01 -6.96 -7.23
C ALA B 121 -20.53 -7.98 -8.24
N ASP B 122 -21.38 -8.92 -7.80
CA ASP B 122 -21.99 -9.86 -8.73
C ASP B 122 -22.99 -9.13 -9.64
N ASP B 123 -23.77 -8.23 -9.04
CA ASP B 123 -24.69 -7.37 -9.77
C ASP B 123 -23.98 -6.50 -10.79
N ALA B 124 -22.95 -5.79 -10.32
CA ALA B 124 -22.21 -4.86 -11.14
C ALA B 124 -21.64 -5.58 -12.35
N ALA B 125 -21.16 -6.80 -12.11
CA ALA B 125 -20.57 -7.66 -13.15
C ALA B 125 -21.51 -7.97 -14.33
N THR B 126 -22.76 -7.53 -14.24
CA THR B 126 -23.71 -7.74 -15.31
C THR B 126 -23.95 -6.46 -16.10
N ARG B 127 -23.26 -5.38 -15.77
CA ARG B 127 -23.41 -4.12 -16.51
C ARG B 127 -22.05 -3.68 -17.03
N MET B 128 -21.02 -3.86 -16.18
CA MET B 128 -19.68 -3.40 -16.44
C MET B 128 -18.65 -4.45 -16.08
N ARG B 129 -17.36 -4.13 -16.21
CA ARG B 129 -16.30 -5.05 -15.80
C ARG B 129 -15.80 -4.78 -14.38
N VAL B 130 -15.66 -5.85 -13.60
CA VAL B 130 -15.29 -5.77 -12.19
C VAL B 130 -13.98 -6.54 -11.90
N ARG B 131 -13.07 -5.92 -11.15
CA ARG B 131 -11.85 -6.59 -10.68
C ARG B 131 -11.68 -6.47 -9.16
N GLU B 132 -11.74 -7.60 -8.46
CA GLU B 132 -11.41 -7.61 -7.04
C GLU B 132 -9.91 -7.85 -6.89
N VAL B 133 -9.21 -6.96 -6.18
CA VAL B 133 -7.74 -7.00 -6.14
C VAL B 133 -7.10 -6.79 -4.75
N SER B 134 -5.97 -7.48 -4.53
CA SER B 134 -5.17 -7.33 -3.32
CA SER B 134 -5.18 -7.31 -3.32
C SER B 134 -3.82 -6.71 -3.68
N ILE B 135 -3.42 -5.65 -2.95
CA ILE B 135 -2.17 -4.94 -3.23
C ILE B 135 -0.97 -5.56 -2.52
N GLY B 136 -1.24 -6.50 -1.63
CA GLY B 136 -0.18 -7.17 -0.94
C GLY B 136 -0.75 -8.13 0.08
N ASP B 137 0.08 -9.02 0.57
CA ASP B 137 -0.36 -10.05 1.49
C ASP B 137 -0.27 -9.61 2.94
N TYR B 138 -1.27 -8.82 3.31
CA TYR B 138 -1.42 -8.21 4.63
C TYR B 138 -2.84 -7.66 4.71
N VAL B 139 -3.29 -7.29 5.89
CA VAL B 139 -4.65 -6.76 6.05
C VAL B 139 -4.70 -5.28 6.45
N LEU B 140 -5.56 -4.52 5.79
CA LEU B 140 -5.87 -3.16 6.25
C LEU B 140 -7.28 -3.03 6.93
N ASN B 141 -7.59 -1.83 7.43
CA ASN B 141 -8.92 -1.54 8.00
C ASN B 141 -9.95 -1.17 6.95
N GLY B 142 -9.44 -0.72 5.80
CA GLY B 142 -10.28 -0.26 4.71
C GLY B 142 -9.47 -0.02 3.46
N GLY B 143 -10.19 0.12 2.34
CA GLY B 143 -9.60 0.13 1.01
C GLY B 143 -9.02 1.48 0.68
N GLU B 144 -9.15 2.40 1.62
CA GLU B 144 -8.76 3.79 1.40
C GLU B 144 -7.27 3.93 1.10
N ALA B 145 -6.43 3.26 1.88
CA ALA B 145 -4.99 3.34 1.64
C ALA B 145 -4.67 2.63 0.34
N ALA B 146 -5.34 1.51 0.09
CA ALA B 146 -5.12 0.71 -1.11
C ALA B 146 -5.51 1.50 -2.37
N ALA B 147 -6.61 2.24 -2.26
CA ALA B 147 -7.07 3.13 -3.31
C ALA B 147 -5.92 4.04 -3.74
N LEU B 148 -5.25 4.59 -2.74
CA LEU B 148 -4.15 5.51 -2.95
C LEU B 148 -2.98 4.85 -3.66
N VAL B 149 -2.61 3.66 -3.20
CA VAL B 149 -1.48 2.94 -3.79
C VAL B 149 -1.78 2.65 -5.27
N ILE B 150 -2.93 2.05 -5.53
CA ILE B 150 -3.38 1.78 -6.90
C ILE B 150 -3.30 3.02 -7.78
N ILE B 151 -3.80 4.17 -7.30
CA ILE B 151 -3.78 5.39 -8.09
C ILE B 151 -2.34 5.87 -8.38
N GLU B 152 -1.46 5.79 -7.39
CA GLU B 152 -0.08 6.21 -7.61
C GLU B 152 0.55 5.33 -8.69
N ALA B 153 0.37 4.03 -8.56
CA ALA B 153 1.04 3.09 -9.44
C ALA B 153 0.52 3.19 -10.87
N VAL B 154 -0.76 3.51 -11.00
CA VAL B 154 -1.39 3.57 -12.31
C VAL B 154 -1.07 4.87 -13.01
N LEU B 155 -1.17 5.97 -12.27
CA LEU B 155 -1.08 7.29 -12.85
C LEU B 155 0.29 7.65 -13.34
N ARG B 156 1.31 6.98 -12.79
CA ARG B 156 2.65 7.31 -13.20
C ARG B 156 3.03 6.61 -14.51
N LEU B 157 2.11 5.83 -15.07
CA LEU B 157 2.37 5.21 -16.36
C LEU B 157 1.54 5.86 -17.47
N VAL B 158 0.61 6.74 -17.10
CA VAL B 158 -0.27 7.33 -18.12
C VAL B 158 0.49 8.25 -19.06
N PRO B 159 0.38 7.96 -20.38
CA PRO B 159 1.00 8.76 -21.44
C PRO B 159 0.96 10.27 -21.13
N GLY B 160 2.14 10.85 -20.91
CA GLY B 160 2.23 12.26 -20.59
C GLY B 160 2.64 12.56 -19.16
N VAL B 161 3.58 11.78 -18.63
CA VAL B 161 4.03 11.94 -17.25
C VAL B 161 5.52 11.56 -17.15
N SER B 179 10.74 -8.07 -14.75
CA SER B 179 12.17 -8.31 -14.66
C SER B 179 12.63 -8.64 -13.24
N LEU B 180 13.79 -8.11 -12.86
CA LEU B 180 14.42 -8.29 -11.54
C LEU B 180 14.50 -7.02 -10.77
N LEU B 181 15.16 -7.08 -9.62
CA LEU B 181 15.29 -5.95 -8.73
C LEU B 181 16.43 -5.02 -9.09
N GLU B 182 16.34 -3.81 -8.59
CA GLU B 182 17.33 -2.80 -8.86
C GLU B 182 18.30 -2.65 -7.72
N GLY B 183 19.57 -2.77 -8.05
CA GLY B 183 20.66 -2.62 -7.09
C GLY B 183 20.87 -1.20 -6.53
N PRO B 184 21.95 -1.00 -5.77
CA PRO B 184 22.24 0.23 -5.04
C PRO B 184 22.56 1.46 -5.90
N SER B 185 22.24 2.65 -5.36
CA SER B 185 22.45 3.93 -6.00
CA SER B 185 22.53 3.89 -6.04
C SER B 185 23.33 4.87 -5.16
N TYR B 186 24.09 5.74 -5.83
CA TYR B 186 24.94 6.68 -5.15
C TYR B 186 24.95 8.06 -5.80
N THR B 187 25.48 9.02 -5.06
CA THR B 187 25.76 10.36 -5.57
C THR B 187 26.76 11.07 -4.67
N ARG B 188 27.06 12.32 -4.99
CA ARG B 188 28.11 13.04 -4.32
C ARG B 188 27.84 13.26 -2.83
N PRO B 189 28.92 13.21 -2.01
CA PRO B 189 30.35 13.07 -2.36
C PRO B 189 30.91 11.63 -2.52
N PRO B 190 32.04 11.47 -3.23
CA PRO B 190 32.59 10.13 -3.50
C PRO B 190 33.05 9.37 -2.24
N SER B 191 33.24 10.10 -1.14
CA SER B 191 33.65 9.49 0.11
CA SER B 191 33.64 9.49 0.13
C SER B 191 32.90 10.18 1.27
N TRP B 192 32.18 9.39 2.06
CA TRP B 192 31.34 9.94 3.13
C TRP B 192 31.42 9.07 4.37
N ARG B 193 31.69 9.71 5.50
CA ARG B 193 31.91 9.03 6.79
C ARG B 193 32.83 7.84 6.66
N GLY B 194 33.81 7.93 5.76
CA GLY B 194 34.75 6.85 5.56
C GLY B 194 34.22 5.68 4.76
N MET B 195 33.05 5.85 4.13
CA MET B 195 32.52 4.88 3.17
C MET B 195 32.61 5.43 1.72
N ASP B 196 33.13 4.63 0.81
CA ASP B 196 33.39 5.10 -0.55
C ASP B 196 32.37 4.62 -1.58
N VAL B 197 32.13 5.43 -2.60
CA VAL B 197 31.41 4.96 -3.78
C VAL B 197 32.27 3.92 -4.55
N PRO B 198 31.67 2.79 -4.96
CA PRO B 198 32.41 1.77 -5.72
C PRO B 198 33.16 2.34 -6.93
N PRO B 199 34.48 2.09 -6.99
CA PRO B 199 35.39 2.71 -7.97
C PRO B 199 34.85 2.67 -9.39
N VAL B 200 34.36 1.50 -9.82
CA VAL B 200 33.84 1.30 -11.16
C VAL B 200 32.90 2.44 -11.59
N LEU B 201 32.11 2.96 -10.65
CA LEU B 201 31.07 3.94 -11.00
C LEU B 201 31.70 5.25 -11.39
N LEU B 202 32.95 5.42 -10.95
CA LEU B 202 33.70 6.65 -11.09
C LEU B 202 34.59 6.67 -12.30
N SER B 203 34.73 5.53 -12.95
CA SER B 203 35.79 5.33 -13.94
C SER B 203 35.35 5.62 -15.36
N GLY B 204 34.03 5.65 -15.61
CA GLY B 204 33.53 6.05 -16.92
C GLY B 204 33.35 4.96 -17.96
N ASP B 205 33.72 3.71 -17.64
CA ASP B 205 33.56 2.58 -18.57
C ASP B 205 32.11 2.14 -18.59
N HIS B 206 31.38 2.57 -19.62
CA HIS B 206 29.96 2.25 -19.80
C HIS B 206 29.73 0.75 -19.73
N ALA B 207 30.66 0.00 -20.34
CA ALA B 207 30.62 -1.46 -20.30
C ALA B 207 30.72 -1.98 -18.87
N LYS B 208 31.89 -1.78 -18.25
CA LYS B 208 32.17 -2.28 -16.90
C LYS B 208 31.08 -1.90 -15.87
N ILE B 209 30.55 -0.68 -16.01
CA ILE B 209 29.50 -0.17 -15.13
C ILE B 209 28.17 -0.88 -15.34
N ALA B 210 27.83 -1.20 -16.59
CA ALA B 210 26.61 -1.96 -16.87
C ALA B 210 26.72 -3.37 -16.29
N ALA B 211 27.85 -4.01 -16.51
CA ALA B 211 28.13 -5.34 -16.00
C ALA B 211 28.07 -5.41 -14.47
N TRP B 212 28.80 -4.52 -13.80
CA TRP B 212 28.79 -4.45 -12.33
C TRP B 212 27.38 -4.24 -11.81
N ARG B 213 26.63 -3.41 -12.52
CA ARG B 213 25.26 -3.08 -12.15
C ARG B 213 24.33 -4.25 -12.31
N ALA B 214 24.58 -5.05 -13.34
CA ALA B 214 23.81 -6.27 -13.59
C ALA B 214 24.13 -7.29 -12.51
N GLU B 215 25.41 -7.41 -12.15
CA GLU B 215 25.81 -8.32 -11.10
C GLU B 215 25.14 -7.98 -9.77
N GLN B 216 25.18 -6.70 -9.43
CA GLN B 216 24.56 -6.21 -8.21
C GLN B 216 23.08 -6.51 -8.15
N SER B 217 22.37 -6.14 -9.21
CA SER B 217 20.92 -6.33 -9.30
CA SER B 217 20.93 -6.32 -9.27
C SER B 217 20.54 -7.80 -9.14
N ARG B 218 21.38 -8.68 -9.65
CA ARG B 218 21.11 -10.10 -9.60
C ARG B 218 21.48 -10.71 -8.25
N GLN B 219 22.62 -10.30 -7.72
CA GLN B 219 23.05 -10.69 -6.39
C GLN B 219 22.03 -10.28 -5.30
N ARG B 220 21.28 -9.20 -5.53
CA ARG B 220 20.27 -8.68 -4.61
C ARG B 220 18.91 -9.40 -4.71
N THR B 221 18.58 -9.87 -5.90
CA THR B 221 17.34 -10.60 -6.10
C THR B 221 17.44 -11.99 -5.47
N ILE B 222 18.56 -12.68 -5.70
CA ILE B 222 18.78 -14.00 -5.12
C ILE B 222 18.63 -13.97 -3.59
N GLU B 223 19.06 -12.88 -2.97
CA GLU B 223 18.94 -12.69 -1.52
C GLU B 223 17.53 -12.27 -1.04
N ARG B 224 17.05 -11.12 -1.51
CA ARG B 224 15.81 -10.52 -1.03
C ARG B 224 14.55 -11.12 -1.65
N ARG B 225 14.67 -11.70 -2.85
CA ARG B 225 13.49 -12.17 -3.61
C ARG B 225 13.76 -13.38 -4.50
N PRO B 226 14.16 -14.54 -3.91
CA PRO B 226 14.57 -15.72 -4.70
C PRO B 226 13.47 -16.26 -5.64
N ASP B 227 12.22 -16.02 -5.27
CA ASP B 227 11.09 -16.43 -6.06
C ASP B 227 11.08 -15.83 -7.46
N LEU B 228 11.68 -14.64 -7.59
CA LEU B 228 11.70 -13.90 -8.85
C LEU B 228 12.53 -14.55 -9.94
N LEU B 229 13.39 -15.47 -9.52
CA LEU B 229 14.24 -16.22 -10.43
C LEU B 229 13.89 -17.69 -10.29
N GLY B 230 12.62 -17.96 -9.97
CA GLY B 230 12.15 -19.29 -9.63
C GLY B 230 12.94 -20.09 -8.61
N PHE B 231 13.04 -19.58 -7.39
CA PHE B 231 13.60 -20.37 -6.30
C PHE B 231 12.62 -20.46 -5.14
N ASP B 232 13.04 -21.08 -4.05
CA ASP B 232 12.16 -21.25 -2.92
C ASP B 232 12.17 -20.03 -2.02
N SER B 233 11.00 -19.67 -1.54
CA SER B 233 10.87 -18.58 -0.58
C SER B 233 11.25 -19.10 0.80
N PRO B 234 11.92 -18.26 1.59
CA PRO B 234 12.48 -18.61 2.91
C PRO B 234 11.43 -19.11 3.92
C10 JBB C . -6.81 -4.79 1.76
C13 JBB C . -4.98 -6.09 1.11
C15 JBB C . -11.65 -4.17 2.44
O01 JBB C . -13.88 -5.36 1.24
C02 JBB C . -13.91 -4.98 2.42
C03 JBB C . -12.64 -4.78 3.15
C04 JBB C . -12.47 -5.15 4.46
C05 JBB C . -11.26 -4.92 5.04
C06 JBB C . -10.24 -4.32 4.31
C07 JBB C . -10.45 -3.93 3.02
C08 JBB C . -9.38 -3.30 2.21
S09 JBB C . -8.06 -4.24 2.84
S11 JBB C . -6.40 -4.36 0.17
C12 JBB C . -5.10 -5.40 -0.05
C14 JBB C . -5.90 -5.76 2.06
O16 JBB C . -14.98 -4.75 2.99
#